data_1FMI
#
_entry.id   1FMI
#
_cell.length_a   95.829
_cell.length_b   95.829
_cell.length_c   136.853
_cell.angle_alpha   90.00
_cell.angle_beta   90.00
_cell.angle_gamma   120.00
#
_symmetry.space_group_name_H-M   'P 31 2 1'
#
loop_
_entity.id
_entity.type
_entity.pdbx_description
1 polymer 'ENDOPLASMIC RETICULUM ALPHA-MANNOSIDASE I'
2 non-polymer 'CALCIUM ION'
3 non-polymer 'SULFATE ION'
4 water water
#
_entity_poly.entity_id   1
_entity_poly.type   'polypeptide(L)'
_entity_poly.pdbx_seq_one_letter_code
;AQGPVHLNYRQKGVIDVFLHAWKGYRKFAWGHDELKPVSRSFSEWFGLGLTLIDALDTMWILGLRKEFEEARKWVSKKLH
FEKDVDVNLFESTIRILGGLLSAYHLSGDSLFLRKAEDFGNRLMPAFRTPSKIPYSDVNIGTGVAHPPRWTSDSTVAEVT
SIQLEFRELSRLTGDKKFQEAVEKVTQHIHGLSGKKDGLVPMFINTHSGLFTHLGVFTLGARADSYYEYLLKQWIQGGKQ
ETQLLEDYVEAIEGVRTHLLRHSEPSKLTFVGELAHGRFSAKMDHLVCFLPGTLALGVYHGLPASHMELAQELMETCYQM
NRQMETGLSPEIVHFNLYPQPGRRDVEVKPADRHNLLRPETVESLFYLYRVTGDRKYQDWGWEILQSFSRFTRVPSGGYS
SINNVQDPQKPEPRDKMESFFLGETLKYLFLLFSDDPNLLSLDAYVFNTEAHPLPIWT
;
_entity_poly.pdbx_strand_id   A
#
loop_
_chem_comp.id
_chem_comp.type
_chem_comp.name
_chem_comp.formula
CA non-polymer 'CALCIUM ION' 'Ca 2'
SO4 non-polymer 'SULFATE ION' 'O4 S -2'
#
# COMPACT_ATOMS: atom_id res chain seq x y z
N ALA A 1 -22.50 -20.58 8.49
CA ALA A 1 -21.96 -19.91 7.27
C ALA A 1 -23.03 -19.04 6.62
N GLN A 2 -23.26 -17.86 7.20
CA GLN A 2 -24.26 -16.93 6.67
C GLN A 2 -23.86 -15.48 6.92
N GLY A 3 -24.22 -14.59 5.99
CA GLY A 3 -23.89 -13.19 6.13
C GLY A 3 -25.10 -12.28 6.01
N PRO A 4 -24.99 -11.03 6.48
CA PRO A 4 -26.06 -10.02 6.44
C PRO A 4 -26.82 -9.95 5.12
N VAL A 5 -28.15 -9.88 5.23
CA VAL A 5 -29.03 -9.82 4.07
C VAL A 5 -28.93 -8.55 3.23
N HIS A 6 -28.61 -7.43 3.87
CA HIS A 6 -28.51 -6.14 3.18
C HIS A 6 -27.35 -5.97 2.19
N LEU A 7 -26.35 -6.85 2.30
CA LEU A 7 -25.16 -6.77 1.44
C LEU A 7 -25.39 -7.11 -0.03
N ASN A 8 -24.87 -6.28 -0.94
CA ASN A 8 -25.02 -6.61 -2.37
C ASN A 8 -24.11 -7.82 -2.59
N TYR A 9 -24.41 -8.61 -3.61
CA TYR A 9 -23.66 -9.84 -3.87
C TYR A 9 -22.15 -9.75 -3.97
N ARG A 10 -21.63 -8.64 -4.48
CA ARG A 10 -20.18 -8.51 -4.61
C ARG A 10 -19.50 -8.32 -3.25
N GLN A 11 -20.05 -7.50 -2.37
CA GLN A 11 -19.43 -7.34 -1.05
C GLN A 11 -19.57 -8.67 -0.31
N LYS A 12 -20.71 -9.32 -0.55
CA LYS A 12 -20.98 -10.62 0.07
C LYS A 12 -19.87 -11.57 -0.34
N GLY A 13 -19.52 -11.54 -1.63
CA GLY A 13 -18.47 -12.42 -2.12
C GLY A 13 -17.13 -12.14 -1.47
N VAL A 14 -16.82 -10.86 -1.29
CA VAL A 14 -15.56 -10.48 -0.66
C VAL A 14 -15.51 -11.08 0.74
N ILE A 15 -16.62 -10.97 1.47
CA ILE A 15 -16.69 -11.53 2.81
C ILE A 15 -16.43 -13.05 2.81
N ASP A 16 -17.00 -13.75 1.84
CA ASP A 16 -16.79 -15.21 1.75
C ASP A 16 -15.30 -15.49 1.58
N VAL A 17 -14.63 -14.70 0.76
CA VAL A 17 -13.21 -14.87 0.52
C VAL A 17 -12.42 -14.58 1.80
N PHE A 18 -12.76 -13.47 2.46
CA PHE A 18 -12.07 -13.11 3.69
C PHE A 18 -12.22 -14.26 4.69
N LEU A 19 -13.43 -14.78 4.82
CA LEU A 19 -13.68 -15.86 5.77
C LEU A 19 -12.86 -17.11 5.44
N HIS A 20 -12.75 -17.44 4.16
CA HIS A 20 -11.97 -18.62 3.79
C HIS A 20 -10.50 -18.36 4.11
N ALA A 21 -10.06 -17.12 3.90
CA ALA A 21 -8.67 -16.76 4.16
C ALA A 21 -8.41 -16.79 5.67
N TRP A 22 -9.30 -16.16 6.43
CA TRP A 22 -9.18 -16.09 7.89
C TRP A 22 -9.24 -17.48 8.49
N LYS A 23 -10.03 -18.35 7.88
CA LYS A 23 -10.15 -19.73 8.35
C LYS A 23 -8.76 -20.35 8.42
N GLY A 24 -7.95 -20.08 7.42
CA GLY A 24 -6.61 -20.61 7.39
C GLY A 24 -5.73 -20.00 8.46
N TYR A 25 -5.80 -18.67 8.60
CA TYR A 25 -5.00 -17.98 9.61
C TYR A 25 -5.29 -18.51 11.01
N ARG A 26 -6.58 -18.58 11.35
CA ARG A 26 -7.00 -19.06 12.68
C ARG A 26 -6.53 -20.48 13.02
N LYS A 27 -6.63 -21.37 12.03
CA LYS A 27 -6.25 -22.76 12.22
C LYS A 27 -4.76 -23.07 12.22
N PHE A 28 -4.00 -22.38 11.38
CA PHE A 28 -2.57 -22.68 11.29
C PHE A 28 -1.56 -21.58 11.61
N ALA A 29 -2.03 -20.37 11.89
CA ALA A 29 -1.09 -19.30 12.17
C ALA A 29 -1.60 -18.22 13.12
N TRP A 30 -2.50 -18.59 14.01
CA TRP A 30 -3.07 -17.63 14.95
C TRP A 30 -2.00 -16.98 15.84
N GLY A 31 -1.93 -15.66 15.78
CA GLY A 31 -0.96 -14.94 16.57
C GLY A 31 0.39 -14.80 15.91
N HIS A 32 0.53 -15.38 14.72
CA HIS A 32 1.80 -15.31 14.00
C HIS A 32 1.73 -14.27 12.89
N ASP A 33 2.88 -13.79 12.42
CA ASP A 33 2.91 -12.77 11.38
C ASP A 33 2.20 -13.13 10.09
N GLU A 34 2.62 -14.22 9.46
CA GLU A 34 2.02 -14.62 8.20
C GLU A 34 1.69 -16.10 8.12
N LEU A 35 0.65 -16.40 7.36
CA LEU A 35 0.19 -17.76 7.17
C LEU A 35 0.88 -18.41 5.98
N LYS A 36 1.18 -19.70 6.12
CA LYS A 36 1.77 -20.49 5.03
C LYS A 36 0.62 -21.47 4.79
N PRO A 37 -0.36 -21.06 3.98
CA PRO A 37 -1.57 -21.81 3.62
C PRO A 37 -1.37 -23.22 3.10
N VAL A 38 -0.48 -23.39 2.13
CA VAL A 38 -0.24 -24.71 1.55
C VAL A 38 0.25 -25.70 2.60
N SER A 39 1.37 -25.40 3.24
CA SER A 39 1.94 -26.28 4.24
C SER A 39 1.26 -26.16 5.61
N ARG A 40 0.12 -25.47 5.64
CA ARG A 40 -0.62 -25.30 6.90
C ARG A 40 0.32 -24.92 8.03
N SER A 41 1.22 -23.98 7.77
CA SER A 41 2.18 -23.51 8.76
C SER A 41 2.10 -21.99 8.88
N PHE A 42 3.20 -21.36 9.27
CA PHE A 42 3.22 -19.91 9.44
C PHE A 42 4.65 -19.40 9.38
N SER A 43 4.82 -18.10 9.20
CA SER A 43 6.14 -17.49 9.16
C SER A 43 6.17 -16.29 10.10
N GLU A 44 7.37 -15.94 10.56
CA GLU A 44 7.54 -14.81 11.47
C GLU A 44 8.53 -13.80 10.89
N TRP A 45 8.08 -12.55 10.80
CA TRP A 45 8.89 -11.45 10.27
C TRP A 45 9.32 -10.58 11.46
N PHE A 46 8.35 -10.11 12.24
CA PHE A 46 8.64 -9.29 13.40
C PHE A 46 8.18 -10.00 14.68
N GLY A 47 7.27 -10.95 14.53
CA GLY A 47 6.74 -11.67 15.67
C GLY A 47 5.74 -10.81 16.41
N LEU A 48 4.98 -10.01 15.65
CA LEU A 48 3.98 -9.12 16.25
C LEU A 48 2.56 -9.32 15.73
N GLY A 49 2.22 -10.55 15.35
CA GLY A 49 0.89 -10.83 14.85
C GLY A 49 0.48 -9.95 13.69
N LEU A 50 1.45 -9.65 12.84
CA LEU A 50 1.26 -8.80 11.67
C LEU A 50 -0.05 -8.97 10.90
N THR A 51 -0.36 -10.20 10.46
CA THR A 51 -1.57 -10.40 9.70
C THR A 51 -2.80 -10.03 10.51
N LEU A 52 -2.80 -10.39 11.79
CA LEU A 52 -3.93 -10.09 12.66
C LEU A 52 -4.15 -8.59 12.79
N ILE A 53 -3.09 -7.85 13.13
CA ILE A 53 -3.21 -6.41 13.30
C ILE A 53 -3.60 -5.74 11.97
N ASP A 54 -2.98 -6.17 10.88
CA ASP A 54 -3.25 -5.61 9.57
C ASP A 54 -4.70 -5.85 9.14
N ALA A 55 -5.31 -6.91 9.66
CA ALA A 55 -6.69 -7.23 9.30
C ALA A 55 -7.75 -6.70 10.28
N LEU A 56 -7.32 -6.11 11.38
CA LEU A 56 -8.27 -5.59 12.36
C LEU A 56 -9.33 -4.68 11.73
N ASP A 57 -8.93 -3.60 11.05
CA ASP A 57 -9.93 -2.72 10.46
C ASP A 57 -10.72 -3.37 9.33
N THR A 58 -10.08 -4.23 8.55
CA THR A 58 -10.80 -4.90 7.48
C THR A 58 -11.96 -5.73 8.09
N MET A 59 -11.67 -6.49 9.15
CA MET A 59 -12.72 -7.29 9.77
C MET A 59 -13.87 -6.42 10.26
N TRP A 60 -13.54 -5.29 10.89
CA TRP A 60 -14.55 -4.37 11.39
C TRP A 60 -15.44 -3.83 10.27
N ILE A 61 -14.82 -3.32 9.22
CA ILE A 61 -15.51 -2.76 8.08
C ILE A 61 -16.42 -3.80 7.40
N LEU A 62 -15.97 -5.06 7.38
CA LEU A 62 -16.76 -6.12 6.77
C LEU A 62 -17.87 -6.64 7.68
N GLY A 63 -17.92 -6.14 8.90
CA GLY A 63 -18.96 -6.56 9.83
C GLY A 63 -18.69 -7.88 10.54
N LEU A 64 -17.44 -8.33 10.50
CA LEU A 64 -17.04 -9.57 11.13
C LEU A 64 -16.65 -9.24 12.58
N ARG A 65 -17.65 -8.83 13.35
CA ARG A 65 -17.45 -8.45 14.75
C ARG A 65 -17.00 -9.58 15.67
N LYS A 66 -17.53 -10.78 15.46
CA LYS A 66 -17.15 -11.92 16.27
C LYS A 66 -15.65 -12.14 16.09
N GLU A 67 -15.22 -12.22 14.84
CA GLU A 67 -13.80 -12.42 14.54
C GLU A 67 -12.98 -11.26 15.08
N PHE A 68 -13.52 -10.05 15.01
CA PHE A 68 -12.81 -8.86 15.47
C PHE A 68 -12.57 -8.94 16.99
N GLU A 69 -13.62 -9.30 17.73
CA GLU A 69 -13.52 -9.41 19.19
C GLU A 69 -12.45 -10.42 19.54
N GLU A 70 -12.44 -11.54 18.83
CA GLU A 70 -11.45 -12.58 19.08
C GLU A 70 -10.04 -12.05 18.85
N ALA A 71 -9.84 -11.31 17.77
CA ALA A 71 -8.54 -10.72 17.46
C ALA A 71 -8.18 -9.68 18.52
N ARG A 72 -9.20 -8.96 18.97
CA ARG A 72 -9.06 -7.92 19.99
C ARG A 72 -8.52 -8.55 21.27
N LYS A 73 -9.07 -9.69 21.65
CA LYS A 73 -8.62 -10.39 22.85
C LYS A 73 -7.13 -10.73 22.74
N TRP A 74 -6.72 -11.22 21.57
CA TRP A 74 -5.32 -11.57 21.34
C TRP A 74 -4.43 -10.34 21.53
N VAL A 75 -4.86 -9.20 20.99
CA VAL A 75 -4.08 -7.98 21.14
C VAL A 75 -3.99 -7.62 22.61
N SER A 76 -5.10 -7.78 23.32
CA SER A 76 -5.16 -7.46 24.74
C SER A 76 -4.27 -8.34 25.62
N LYS A 77 -4.15 -9.62 25.25
CA LYS A 77 -3.36 -10.55 26.06
C LYS A 77 -2.02 -11.04 25.51
N LYS A 78 -1.90 -11.15 24.20
CA LYS A 78 -0.66 -11.66 23.61
C LYS A 78 0.28 -10.67 22.94
N LEU A 79 -0.19 -9.49 22.61
CA LEU A 79 0.68 -8.50 21.95
C LEU A 79 1.62 -7.81 22.93
N HIS A 80 2.91 -8.08 22.80
CA HIS A 80 3.93 -7.48 23.67
C HIS A 80 5.07 -6.90 22.86
N PHE A 81 5.39 -5.64 23.11
CA PHE A 81 6.44 -4.97 22.38
C PHE A 81 7.77 -5.03 23.14
N GLU A 82 7.75 -5.67 24.30
CA GLU A 82 8.97 -5.83 25.09
C GLU A 82 9.67 -7.04 24.48
N LYS A 83 10.15 -6.88 23.25
CA LYS A 83 10.84 -7.94 22.52
C LYS A 83 12.15 -7.44 21.91
N ASP A 84 13.15 -8.31 21.91
CA ASP A 84 14.44 -7.99 21.34
C ASP A 84 14.36 -8.38 19.86
N VAL A 85 13.86 -7.44 19.05
CA VAL A 85 13.71 -7.69 17.62
C VAL A 85 13.88 -6.40 16.81
N ASP A 86 14.55 -6.52 15.68
CA ASP A 86 14.77 -5.38 14.80
C ASP A 86 13.62 -5.30 13.82
N VAL A 87 13.03 -4.12 13.68
CA VAL A 87 11.94 -3.96 12.73
C VAL A 87 12.26 -2.82 11.77
N ASN A 88 11.67 -2.88 10.59
CA ASN A 88 11.87 -1.83 9.62
C ASN A 88 10.94 -0.68 10.02
N LEU A 89 11.49 0.51 10.23
CA LEU A 89 10.68 1.65 10.64
C LEU A 89 9.43 1.81 9.76
N PHE A 90 9.64 1.89 8.45
CA PHE A 90 8.55 2.06 7.51
C PHE A 90 7.52 0.94 7.54
N GLU A 91 7.97 -0.30 7.39
CA GLU A 91 7.07 -1.44 7.38
C GLU A 91 6.25 -1.59 8.66
N SER A 92 6.88 -1.40 9.82
CA SER A 92 6.15 -1.53 11.07
C SER A 92 5.20 -0.35 11.25
N THR A 93 5.58 0.83 10.79
CA THR A 93 4.73 2.01 10.93
C THR A 93 3.43 1.90 10.12
N ILE A 94 3.54 1.55 8.85
CA ILE A 94 2.36 1.49 8.01
C ILE A 94 1.41 0.35 8.36
N ARG A 95 1.95 -0.76 8.86
CA ARG A 95 1.10 -1.90 9.21
C ARG A 95 0.68 -1.93 10.67
N ILE A 96 1.64 -1.89 11.59
CA ILE A 96 1.31 -1.95 13.01
C ILE A 96 0.75 -0.64 13.58
N LEU A 97 1.49 0.45 13.46
CA LEU A 97 1.00 1.72 13.97
C LEU A 97 -0.25 2.14 13.20
N GLY A 98 -0.18 2.07 11.88
CA GLY A 98 -1.32 2.44 11.06
C GLY A 98 -2.51 1.56 11.34
N GLY A 99 -2.29 0.25 11.41
CA GLY A 99 -3.37 -0.68 11.68
C GLY A 99 -4.05 -0.48 13.03
N LEU A 100 -3.25 -0.19 14.06
CA LEU A 100 -3.76 0.03 15.41
C LEU A 100 -4.54 1.32 15.47
N LEU A 101 -4.04 2.36 14.81
CA LEU A 101 -4.72 3.65 14.79
C LEU A 101 -6.10 3.54 14.15
N SER A 102 -6.19 2.83 13.03
CA SER A 102 -7.48 2.65 12.35
C SER A 102 -8.44 1.82 13.21
N ALA A 103 -7.90 0.76 13.82
CA ALA A 103 -8.70 -0.12 14.68
C ALA A 103 -9.30 0.71 15.80
N TYR A 104 -8.47 1.55 16.40
CA TYR A 104 -8.92 2.43 17.47
C TYR A 104 -10.07 3.31 16.99
N HIS A 105 -9.88 3.98 15.87
CA HIS A 105 -10.91 4.86 15.35
C HIS A 105 -12.23 4.19 15.00
N LEU A 106 -12.17 3.00 14.40
CA LEU A 106 -13.38 2.30 14.02
C LEU A 106 -14.13 1.66 15.19
N SER A 107 -13.38 1.06 16.11
CA SER A 107 -13.99 0.38 17.27
C SER A 107 -14.24 1.28 18.47
N GLY A 108 -13.44 2.33 18.60
CA GLY A 108 -13.56 3.23 19.75
C GLY A 108 -12.93 2.59 20.98
N ASP A 109 -12.24 1.48 20.78
CA ASP A 109 -11.60 0.76 21.88
C ASP A 109 -10.20 1.33 22.19
N SER A 110 -10.05 1.93 23.36
CA SER A 110 -8.79 2.55 23.78
C SER A 110 -7.58 1.61 23.79
N LEU A 111 -7.84 0.30 23.86
CA LEU A 111 -6.75 -0.67 23.86
C LEU A 111 -5.81 -0.41 22.68
N PHE A 112 -6.39 -0.29 21.50
CA PHE A 112 -5.62 -0.06 20.28
C PHE A 112 -4.80 1.23 20.32
N LEU A 113 -5.33 2.27 20.96
CA LEU A 113 -4.60 3.52 21.05
C LEU A 113 -3.44 3.34 22.03
N ARG A 114 -3.69 2.64 23.13
CA ARG A 114 -2.63 2.41 24.11
C ARG A 114 -1.46 1.65 23.46
N LYS A 115 -1.79 0.67 22.63
CA LYS A 115 -0.74 -0.11 21.96
C LYS A 115 -0.02 0.77 20.95
N ALA A 116 -0.78 1.63 20.27
CA ALA A 116 -0.20 2.53 19.27
C ALA A 116 0.81 3.49 19.88
N GLU A 117 0.47 4.07 21.04
CA GLU A 117 1.37 5.01 21.69
C GLU A 117 2.63 4.28 22.18
N ASP A 118 2.45 3.06 22.67
CA ASP A 118 3.57 2.25 23.14
C ASP A 118 4.51 2.02 21.94
N PHE A 119 3.95 1.49 20.87
CA PHE A 119 4.76 1.21 19.68
C PHE A 119 5.44 2.45 19.13
N GLY A 120 4.70 3.55 19.05
CA GLY A 120 5.28 4.79 18.55
C GLY A 120 6.51 5.22 19.33
N ASN A 121 6.47 5.12 20.66
CA ASN A 121 7.62 5.52 21.44
C ASN A 121 8.85 4.64 21.19
N ARG A 122 8.61 3.35 20.99
CA ARG A 122 9.70 2.42 20.73
C ARG A 122 10.36 2.62 19.37
N LEU A 123 9.67 3.34 18.49
CA LEU A 123 10.16 3.61 17.13
C LEU A 123 11.04 4.86 17.06
N MET A 124 10.80 5.81 17.97
CA MET A 124 11.54 7.06 18.01
C MET A 124 13.07 7.00 17.96
N PRO A 125 13.68 5.97 18.54
CA PRO A 125 15.15 5.92 18.49
C PRO A 125 15.72 5.97 17.07
N ALA A 126 14.87 5.70 16.06
CA ALA A 126 15.30 5.70 14.67
C ALA A 126 15.66 7.08 14.14
N PHE A 127 15.13 8.12 14.77
CA PHE A 127 15.40 9.48 14.32
C PHE A 127 16.68 10.07 14.90
N ARG A 128 17.37 9.33 15.76
CA ARG A 128 18.60 9.83 16.36
C ARG A 128 19.78 9.71 15.40
N THR A 129 19.80 10.61 14.42
CA THR A 129 20.85 10.63 13.40
C THR A 129 21.31 12.07 13.24
N PRO A 130 22.51 12.28 12.67
CA PRO A 130 23.03 13.64 12.48
C PRO A 130 22.12 14.55 11.65
N SER A 131 21.47 13.95 10.65
CA SER A 131 20.58 14.71 9.76
C SER A 131 19.13 14.73 10.24
N LYS A 132 18.82 13.82 11.16
CA LYS A 132 17.48 13.67 11.70
C LYS A 132 16.63 12.83 10.74
N ILE A 133 17.24 12.46 9.59
CA ILE A 133 16.56 11.59 8.64
C ILE A 133 16.77 10.25 9.35
N PRO A 134 15.67 9.52 9.61
CA PRO A 134 15.75 8.23 10.32
C PRO A 134 16.46 7.05 9.69
N TYR A 135 16.99 6.19 10.56
CA TYR A 135 17.66 4.95 10.16
C TYR A 135 16.55 4.04 9.65
N SER A 136 16.91 3.00 8.90
CA SER A 136 15.92 2.08 8.35
C SER A 136 15.34 1.12 9.38
N ASP A 137 16.17 0.66 10.31
CA ASP A 137 15.74 -0.30 11.32
C ASP A 137 15.89 0.23 12.74
N VAL A 138 15.10 -0.35 13.64
CA VAL A 138 15.15 0.02 15.05
C VAL A 138 14.68 -1.18 15.86
N ASN A 139 15.43 -1.51 16.90
CA ASN A 139 15.08 -2.63 17.79
C ASN A 139 14.10 -2.06 18.82
N ILE A 140 12.84 -2.47 18.73
CA ILE A 140 11.82 -1.98 19.64
C ILE A 140 12.04 -2.33 21.11
N GLY A 141 12.88 -3.33 21.36
CA GLY A 141 13.15 -3.71 22.74
C GLY A 141 14.39 -3.11 23.37
N THR A 142 15.48 -3.05 22.61
CA THR A 142 16.72 -2.50 23.16
C THR A 142 16.80 -0.99 22.99
N GLY A 143 16.05 -0.46 22.03
CA GLY A 143 16.05 0.97 21.79
C GLY A 143 17.16 1.46 20.89
N VAL A 144 17.82 0.54 20.19
CA VAL A 144 18.90 0.93 19.29
C VAL A 144 18.50 0.82 17.82
N ALA A 145 18.76 1.87 17.06
CA ALA A 145 18.43 1.92 15.65
C ALA A 145 19.70 1.82 14.82
N HIS A 146 19.57 1.36 13.57
CA HIS A 146 20.72 1.22 12.70
C HIS A 146 20.31 1.06 11.23
N PRO A 147 21.25 1.33 10.30
CA PRO A 147 21.01 1.22 8.86
C PRO A 147 20.85 -0.22 8.39
N PRO A 148 20.46 -0.42 7.12
CA PRO A 148 20.27 -1.74 6.53
C PRO A 148 21.51 -2.64 6.65
N ARG A 149 21.30 -3.94 6.54
CA ARG A 149 22.37 -4.92 6.64
C ARG A 149 23.64 -4.47 5.91
N SER A 152 25.38 1.70 4.07
CA SER A 152 24.11 1.91 3.34
C SER A 152 23.34 3.12 3.89
N ASP A 153 22.37 3.58 3.12
CA ASP A 153 21.56 4.72 3.55
C ASP A 153 20.13 4.23 3.76
N SER A 154 19.21 5.17 3.87
CA SER A 154 17.80 4.83 4.04
C SER A 154 17.14 5.06 2.68
N THR A 155 16.00 4.43 2.45
CA THR A 155 15.31 4.63 1.18
C THR A 155 14.35 5.81 1.36
N VAL A 156 14.27 6.65 0.32
CA VAL A 156 13.44 7.84 0.35
C VAL A 156 11.97 7.60 0.65
N ALA A 157 11.35 6.61 -0.01
CA ALA A 157 9.94 6.34 0.25
C ALA A 157 9.72 5.92 1.71
N GLU A 158 10.68 5.19 2.27
CA GLU A 158 10.53 4.75 3.64
C GLU A 158 10.48 5.87 4.67
N VAL A 159 11.34 6.88 4.53
CA VAL A 159 11.34 7.97 5.49
C VAL A 159 10.28 9.04 5.24
N THR A 160 9.67 8.99 4.05
CA THR A 160 8.64 9.95 3.70
C THR A 160 7.26 9.32 3.59
N SER A 161 7.12 8.09 4.08
CA SER A 161 5.84 7.39 4.04
C SER A 161 5.43 6.91 5.42
N ILE A 162 5.74 7.72 6.43
CA ILE A 162 5.41 7.40 7.81
C ILE A 162 4.75 8.61 8.48
N GLN A 163 4.57 9.67 7.71
CA GLN A 163 4.02 10.92 8.24
C GLN A 163 2.56 10.89 8.67
N LEU A 164 1.70 10.25 7.89
CA LEU A 164 0.27 10.20 8.25
C LEU A 164 0.09 9.59 9.62
N GLU A 165 0.74 8.45 9.84
CA GLU A 165 0.64 7.71 11.08
C GLU A 165 1.21 8.47 12.28
N PHE A 166 2.41 9.03 12.13
CA PHE A 166 3.01 9.78 13.24
C PHE A 166 2.25 11.06 13.55
N ARG A 167 1.77 11.75 12.52
CA ARG A 167 1.02 12.98 12.74
C ARG A 167 -0.26 12.69 13.53
N GLU A 168 -0.98 11.63 13.14
CA GLU A 168 -2.21 11.25 13.84
C GLU A 168 -1.93 10.82 15.29
N LEU A 169 -0.84 10.10 15.51
CA LEU A 169 -0.53 9.67 16.89
C LEU A 169 -0.32 10.90 17.79
N SER A 170 0.34 11.94 17.26
CA SER A 170 0.56 13.16 18.04
C SER A 170 -0.79 13.82 18.31
N ARG A 171 -1.65 13.84 17.29
CA ARG A 171 -2.96 14.46 17.40
C ARG A 171 -3.81 13.79 18.48
N LEU A 172 -3.75 12.46 18.55
CA LEU A 172 -4.54 11.71 19.53
C LEU A 172 -3.96 11.68 20.94
N THR A 173 -2.64 11.75 21.06
CA THR A 173 -2.00 11.69 22.37
C THR A 173 -1.60 13.03 22.95
N GLY A 174 -1.47 14.04 22.11
CA GLY A 174 -1.06 15.35 22.59
C GLY A 174 0.46 15.40 22.67
N ASP A 175 1.12 14.26 22.44
CA ASP A 175 2.57 14.20 22.48
C ASP A 175 3.08 14.59 21.10
N LYS A 176 3.60 15.81 21.00
CA LYS A 176 4.09 16.36 19.74
C LYS A 176 5.40 15.82 19.17
N LYS A 177 6.13 14.99 19.92
CA LYS A 177 7.40 14.50 19.38
C LYS A 177 7.28 13.66 18.11
N PHE A 178 6.20 12.90 17.97
CA PHE A 178 6.00 12.08 16.77
C PHE A 178 5.86 12.95 15.53
N GLN A 179 4.92 13.88 15.57
CA GLN A 179 4.68 14.77 14.45
C GLN A 179 5.92 15.59 14.10
N GLU A 180 6.56 16.17 15.10
CA GLU A 180 7.74 17.00 14.87
C GLU A 180 8.90 16.26 14.21
N ALA A 181 9.11 15.00 14.60
CA ALA A 181 10.20 14.22 14.03
C ALA A 181 9.92 13.93 12.57
N VAL A 182 8.69 13.48 12.30
CA VAL A 182 8.28 13.13 10.96
C VAL A 182 8.20 14.34 10.04
N GLU A 183 7.70 15.47 10.55
CA GLU A 183 7.59 16.66 9.71
C GLU A 183 8.95 17.26 9.37
N LYS A 184 9.93 17.04 10.24
CA LYS A 184 11.28 17.55 10.00
C LYS A 184 11.80 16.89 8.71
N VAL A 185 11.58 15.59 8.60
CA VAL A 185 12.00 14.84 7.42
C VAL A 185 11.38 15.42 6.17
N THR A 186 10.06 15.58 6.20
CA THR A 186 9.32 16.13 5.07
C THR A 186 9.86 17.48 4.65
N GLN A 187 10.12 18.33 5.63
CA GLN A 187 10.64 19.66 5.36
C GLN A 187 12.05 19.60 4.76
N HIS A 188 12.88 18.70 5.28
CA HIS A 188 14.24 18.56 4.78
C HIS A 188 14.18 18.12 3.32
N ILE A 189 13.34 17.14 3.04
CA ILE A 189 13.19 16.64 1.69
C ILE A 189 12.72 17.76 0.75
N HIS A 190 11.79 18.58 1.23
CA HIS A 190 11.27 19.68 0.41
C HIS A 190 12.35 20.60 -0.17
N GLY A 191 13.40 20.87 0.61
CA GLY A 191 14.43 21.76 0.13
C GLY A 191 15.68 21.10 -0.41
N LEU A 192 15.68 19.77 -0.44
CA LEU A 192 16.83 19.02 -0.91
C LEU A 192 17.00 19.11 -2.43
N SER A 193 18.22 19.36 -2.88
CA SER A 193 18.47 19.42 -4.32
C SER A 193 18.81 18.02 -4.75
N GLY A 194 18.77 17.76 -6.05
CA GLY A 194 19.08 16.42 -6.53
C GLY A 194 17.86 15.74 -7.12
N LYS A 195 16.75 16.47 -7.17
CA LYS A 195 15.51 15.95 -7.74
C LYS A 195 15.53 16.29 -9.21
N LYS A 196 14.65 15.64 -9.97
CA LYS A 196 14.53 15.95 -11.39
C LYS A 196 13.07 16.31 -11.59
N ASP A 197 12.78 17.61 -11.58
CA ASP A 197 11.42 18.10 -11.77
C ASP A 197 10.41 17.43 -10.82
N GLY A 198 10.76 17.35 -9.55
CA GLY A 198 9.85 16.74 -8.58
C GLY A 198 10.14 15.28 -8.31
N LEU A 199 10.78 14.60 -9.26
CA LEU A 199 11.12 13.19 -9.10
C LEU A 199 12.30 13.03 -8.15
N VAL A 200 12.16 12.15 -7.16
CA VAL A 200 13.22 11.94 -6.18
C VAL A 200 14.04 10.67 -6.33
N PRO A 201 15.32 10.71 -5.94
CA PRO A 201 16.21 9.54 -6.03
C PRO A 201 15.67 8.48 -5.05
N MET A 202 16.22 7.28 -5.09
CA MET A 202 15.76 6.18 -4.22
C MET A 202 16.35 6.13 -2.80
N PHE A 203 17.51 6.76 -2.59
CA PHE A 203 18.16 6.72 -1.29
C PHE A 203 18.58 8.08 -0.73
N ILE A 204 18.80 8.12 0.57
CA ILE A 204 19.23 9.34 1.25
C ILE A 204 20.11 8.92 2.43
N ASN A 205 21.27 9.58 2.56
CA ASN A 205 22.20 9.26 3.64
C ASN A 205 21.77 9.88 4.95
N THR A 206 21.72 9.08 6.01
CA THR A 206 21.29 9.56 7.32
C THR A 206 22.31 10.47 8.02
N HIS A 207 23.56 10.45 7.56
CA HIS A 207 24.58 11.29 8.17
C HIS A 207 24.71 12.63 7.47
N SER A 208 24.75 12.59 6.13
CA SER A 208 24.86 13.81 5.34
C SER A 208 23.47 14.39 5.09
N GLY A 209 22.47 13.52 5.14
CA GLY A 209 21.10 13.96 4.91
C GLY A 209 20.86 14.28 3.44
N LEU A 210 21.77 13.85 2.57
CA LEU A 210 21.64 14.11 1.14
C LEU A 210 21.17 12.88 0.37
N PHE A 211 20.56 13.13 -0.79
CA PHE A 211 20.11 12.05 -1.68
C PHE A 211 21.36 11.35 -2.23
N THR A 212 21.28 10.04 -2.42
CA THR A 212 22.39 9.30 -3.03
C THR A 212 21.81 8.58 -4.23
N HIS A 213 22.65 7.84 -4.97
CA HIS A 213 22.18 7.14 -6.17
C HIS A 213 21.47 8.16 -7.04
N LEU A 214 22.08 9.31 -7.23
CA LEU A 214 21.49 10.36 -8.03
C LEU A 214 21.31 9.95 -9.50
N GLY A 215 20.41 10.65 -10.19
CA GLY A 215 20.17 10.36 -11.59
C GLY A 215 19.30 9.17 -11.94
N VAL A 216 18.87 8.39 -10.95
CA VAL A 216 18.04 7.22 -11.20
C VAL A 216 16.67 7.40 -10.57
N PHE A 217 15.62 7.36 -11.39
CA PHE A 217 14.27 7.56 -10.89
C PHE A 217 13.23 6.53 -11.31
N THR A 218 12.40 6.13 -10.34
CA THR A 218 11.33 5.17 -10.57
C THR A 218 10.17 5.56 -9.66
N LEU A 219 8.98 5.07 -9.96
CA LEU A 219 7.81 5.35 -9.13
C LEU A 219 7.39 4.03 -8.50
N GLY A 220 8.28 3.05 -8.56
CA GLY A 220 8.00 1.76 -7.98
C GLY A 220 8.57 1.72 -6.58
N ALA A 221 9.05 0.56 -6.17
CA ALA A 221 9.61 0.40 -4.82
C ALA A 221 10.68 1.44 -4.54
N ARG A 222 10.75 1.86 -3.27
CA ARG A 222 11.72 2.84 -2.79
C ARG A 222 11.36 4.29 -3.06
N ALA A 223 10.23 4.50 -3.75
CA ALA A 223 9.84 5.87 -4.04
C ALA A 223 8.32 6.06 -4.19
N ASP A 224 7.62 5.04 -4.66
CA ASP A 224 6.18 5.14 -4.89
C ASP A 224 5.38 5.91 -3.82
N SER A 225 5.45 5.47 -2.58
CA SER A 225 4.67 6.11 -1.52
C SER A 225 5.09 7.53 -1.15
N TYR A 226 6.28 7.95 -1.57
CA TYR A 226 6.70 9.33 -1.31
C TYR A 226 5.67 10.25 -1.96
N TYR A 227 5.40 10.02 -3.25
CA TYR A 227 4.45 10.85 -3.97
C TYR A 227 3.05 10.72 -3.38
N GLU A 228 2.67 9.48 -3.04
CA GLU A 228 1.38 9.21 -2.43
C GLU A 228 1.16 10.02 -1.15
N TYR A 229 2.17 10.08 -0.29
CA TYR A 229 2.04 10.81 0.97
C TYR A 229 2.14 12.32 0.89
N LEU A 230 2.62 12.85 -0.24
CA LEU A 230 2.68 14.31 -0.37
C LEU A 230 1.23 14.75 -0.45
N LEU A 231 0.47 14.08 -1.31
CA LEU A 231 -0.95 14.41 -1.48
C LEU A 231 -1.77 14.05 -0.26
N LYS A 232 -1.56 12.86 0.30
CA LYS A 232 -2.34 12.45 1.46
C LYS A 232 -2.11 13.29 2.72
N GLN A 233 -0.88 13.76 2.92
CA GLN A 233 -0.61 14.60 4.08
C GLN A 233 -1.36 15.91 3.91
N TRP A 234 -1.31 16.44 2.69
CA TRP A 234 -2.00 17.70 2.38
C TRP A 234 -3.49 17.52 2.68
N ILE A 235 -4.04 16.39 2.24
CA ILE A 235 -5.46 16.11 2.49
C ILE A 235 -5.71 15.98 3.99
N GLN A 236 -4.89 15.18 4.67
CA GLN A 236 -5.02 14.95 6.09
C GLN A 236 -5.03 16.25 6.89
N GLY A 237 -4.14 17.16 6.54
CA GLY A 237 -4.03 18.43 7.24
C GLY A 237 -5.10 19.45 6.89
N GLY A 238 -6.16 19.01 6.20
CA GLY A 238 -7.23 19.93 5.83
C GLY A 238 -6.86 20.82 4.67
N LYS A 239 -5.95 20.35 3.82
CA LYS A 239 -5.52 21.08 2.65
C LYS A 239 -5.07 22.51 2.93
N GLN A 240 -4.16 22.66 3.88
CA GLN A 240 -3.65 23.97 4.25
C GLN A 240 -2.14 24.08 4.03
N GLU A 241 -1.47 22.93 4.01
CA GLU A 241 -0.03 22.89 3.82
C GLU A 241 0.34 22.92 2.34
N THR A 242 0.38 24.13 1.79
CA THR A 242 0.67 24.36 0.38
C THR A 242 1.95 23.73 -0.18
N GLN A 243 3.03 23.71 0.60
CA GLN A 243 4.28 23.13 0.10
C GLN A 243 4.11 21.69 -0.36
N LEU A 244 3.28 20.94 0.36
CA LEU A 244 3.02 19.54 0.03
C LEU A 244 2.33 19.46 -1.33
N LEU A 245 1.29 20.27 -1.49
CA LEU A 245 0.52 20.31 -2.73
C LEU A 245 1.42 20.67 -3.90
N GLU A 246 2.23 21.71 -3.72
CA GLU A 246 3.14 22.18 -4.76
C GLU A 246 4.11 21.07 -5.18
N ASP A 247 4.71 20.41 -4.19
CA ASP A 247 5.65 19.35 -4.49
C ASP A 247 4.96 18.21 -5.23
N TYR A 248 3.70 17.94 -4.88
CA TYR A 248 2.94 16.89 -5.53
C TYR A 248 2.65 17.27 -6.98
N VAL A 249 2.10 18.46 -7.18
CA VAL A 249 1.77 18.92 -8.53
C VAL A 249 3.03 18.95 -9.42
N GLU A 250 4.15 19.39 -8.85
CA GLU A 250 5.40 19.44 -9.62
C GLU A 250 5.83 18.04 -10.01
N ALA A 251 5.74 17.12 -9.05
CA ALA A 251 6.12 15.72 -9.27
C ALA A 251 5.31 15.03 -10.38
N ILE A 252 4.01 15.28 -10.43
CA ILE A 252 3.17 14.66 -11.46
C ILE A 252 3.60 15.17 -12.84
N GLU A 253 3.99 16.44 -12.91
CA GLU A 253 4.45 17.00 -14.16
C GLU A 253 5.77 16.36 -14.52
N GLY A 254 6.56 16.05 -13.49
CA GLY A 254 7.84 15.39 -13.71
C GLY A 254 7.64 13.99 -14.25
N VAL A 255 6.58 13.32 -13.80
CA VAL A 255 6.30 11.98 -14.28
C VAL A 255 5.93 12.07 -15.75
N ARG A 256 5.10 13.04 -16.08
CA ARG A 256 4.66 13.26 -17.45
C ARG A 256 5.84 13.50 -18.39
N THR A 257 6.68 14.46 -18.01
CA THR A 257 7.83 14.82 -18.81
C THR A 257 8.94 13.79 -18.92
N HIS A 258 9.14 12.96 -17.89
CA HIS A 258 10.23 11.99 -17.93
C HIS A 258 9.94 10.49 -17.92
N LEU A 259 8.81 10.08 -17.35
CA LEU A 259 8.53 8.65 -17.26
C LEU A 259 7.31 8.15 -18.01
N LEU A 260 6.47 9.05 -18.49
CA LEU A 260 5.25 8.67 -19.19
C LEU A 260 5.48 8.40 -20.68
N ARG A 261 5.07 7.22 -21.13
CA ARG A 261 5.21 6.83 -22.53
C ARG A 261 3.99 5.99 -22.94
N HIS A 262 3.89 5.68 -24.24
CA HIS A 262 2.79 4.87 -24.74
C HIS A 262 3.29 3.65 -25.48
N SER A 263 2.63 2.52 -25.26
CA SER A 263 3.04 1.29 -25.92
C SER A 263 2.58 1.28 -27.37
N GLU A 264 3.04 0.29 -28.11
CA GLU A 264 2.68 0.11 -29.50
C GLU A 264 2.24 -1.33 -29.62
N PRO A 265 1.20 -1.61 -30.43
CA PRO A 265 0.41 -0.71 -31.27
C PRO A 265 -0.80 -0.07 -30.61
N SER A 266 -1.18 -0.57 -29.44
CA SER A 266 -2.39 -0.08 -28.76
C SER A 266 -2.29 1.27 -28.07
N LYS A 267 -1.08 1.79 -27.90
CA LYS A 267 -0.89 3.10 -27.27
C LYS A 267 -1.33 3.14 -25.80
N LEU A 268 -1.02 2.09 -25.05
CA LEU A 268 -1.36 2.05 -23.64
C LEU A 268 -0.42 3.01 -22.90
N THR A 269 -0.99 3.91 -22.12
CA THR A 269 -0.20 4.86 -21.34
C THR A 269 0.44 4.12 -20.17
N PHE A 270 1.75 4.25 -20.00
CA PHE A 270 2.42 3.60 -18.89
C PHE A 270 3.54 4.45 -18.33
N VAL A 271 4.03 4.07 -17.15
CA VAL A 271 5.09 4.77 -16.46
C VAL A 271 6.32 3.86 -16.42
N GLY A 272 7.43 4.36 -16.95
CA GLY A 272 8.66 3.58 -16.96
C GLY A 272 9.68 4.12 -15.98
N GLU A 273 10.93 3.68 -16.12
CA GLU A 273 12.00 4.13 -15.23
C GLU A 273 13.08 4.88 -16.00
N LEU A 274 13.78 5.78 -15.32
CA LEU A 274 14.84 6.58 -15.94
C LEU A 274 16.14 6.42 -15.16
N ALA A 275 17.19 6.02 -15.87
CA ALA A 275 18.50 5.84 -15.25
C ALA A 275 19.54 6.60 -16.05
N HIS A 276 19.97 7.72 -15.51
CA HIS A 276 20.99 8.55 -16.15
C HIS A 276 20.67 8.89 -17.61
N GLY A 277 19.46 9.37 -17.84
CA GLY A 277 19.06 9.73 -19.19
C GLY A 277 18.46 8.62 -20.04
N ARG A 278 18.71 7.35 -19.67
CA ARG A 278 18.16 6.22 -20.42
C ARG A 278 16.82 5.78 -19.86
N PHE A 279 15.80 5.79 -20.71
CA PHE A 279 14.46 5.38 -20.30
C PHE A 279 14.32 3.88 -20.40
N SER A 280 13.61 3.29 -19.45
CA SER A 280 13.38 1.86 -19.43
C SER A 280 11.87 1.63 -19.36
N ALA A 281 11.34 0.95 -20.38
CA ALA A 281 9.90 0.66 -20.44
C ALA A 281 9.57 -0.49 -19.49
N LYS A 282 9.87 -0.28 -18.21
CA LYS A 282 9.64 -1.26 -17.16
C LYS A 282 8.68 -0.66 -16.13
N MET A 283 7.53 -1.29 -15.94
CA MET A 283 6.55 -0.80 -14.98
C MET A 283 6.18 -1.86 -13.94
N ASP A 284 6.62 -1.65 -12.71
CA ASP A 284 6.35 -2.58 -11.63
C ASP A 284 4.86 -2.43 -11.32
N HIS A 285 4.22 -3.51 -10.88
CA HIS A 285 2.80 -3.45 -10.55
C HIS A 285 2.56 -2.42 -9.44
N LEU A 286 3.57 -2.23 -8.61
CA LEU A 286 3.51 -1.26 -7.52
C LEU A 286 3.09 0.11 -8.01
N VAL A 287 3.47 0.44 -9.24
CA VAL A 287 3.13 1.74 -9.83
C VAL A 287 1.62 1.93 -10.07
N CYS A 288 0.86 0.84 -10.02
CA CYS A 288 -0.58 0.95 -10.25
C CYS A 288 -1.32 1.68 -9.13
N PHE A 289 -0.60 2.12 -8.12
CA PHE A 289 -1.19 2.87 -7.02
C PHE A 289 -1.49 4.28 -7.57
N LEU A 290 -0.72 4.66 -8.59
CA LEU A 290 -0.81 5.99 -9.18
C LEU A 290 -2.16 6.46 -9.73
N PRO A 291 -2.84 5.64 -10.56
CA PRO A 291 -4.13 6.17 -11.03
C PRO A 291 -5.07 6.47 -9.84
N GLY A 292 -4.99 5.65 -8.81
CA GLY A 292 -5.84 5.88 -7.63
C GLY A 292 -5.48 7.17 -6.92
N THR A 293 -4.18 7.40 -6.72
CA THR A 293 -3.73 8.62 -6.07
C THR A 293 -4.09 9.84 -6.93
N LEU A 294 -3.93 9.71 -8.24
CA LEU A 294 -4.26 10.81 -9.17
C LEU A 294 -5.75 11.15 -9.07
N ALA A 295 -6.59 10.12 -9.10
CA ALA A 295 -8.04 10.33 -9.00
C ALA A 295 -8.39 10.98 -7.66
N LEU A 296 -7.77 10.51 -6.59
CA LEU A 296 -8.01 11.03 -5.25
C LEU A 296 -7.71 12.54 -5.24
N GLY A 297 -6.63 12.92 -5.92
CA GLY A 297 -6.27 14.33 -5.97
C GLY A 297 -7.33 15.12 -6.72
N VAL A 298 -7.77 14.60 -7.87
CA VAL A 298 -8.80 15.29 -8.66
C VAL A 298 -10.02 15.58 -7.80
N TYR A 299 -10.43 14.60 -7.02
CA TYR A 299 -11.58 14.76 -6.14
C TYR A 299 -11.39 15.97 -5.24
N HIS A 300 -10.15 16.19 -4.81
CA HIS A 300 -9.85 17.29 -3.91
C HIS A 300 -9.43 18.59 -4.57
N GLY A 301 -9.73 18.73 -5.86
CA GLY A 301 -9.42 19.98 -6.54
C GLY A 301 -8.20 20.06 -7.44
N LEU A 302 -7.55 18.93 -7.72
CA LEU A 302 -6.40 18.99 -8.61
C LEU A 302 -6.83 19.03 -10.06
N PRO A 303 -5.95 19.52 -10.97
CA PRO A 303 -6.22 19.65 -12.41
C PRO A 303 -6.86 18.45 -13.10
N ALA A 304 -7.77 18.75 -14.02
CA ALA A 304 -8.47 17.73 -14.78
C ALA A 304 -7.52 16.86 -15.58
N SER A 305 -6.33 17.38 -15.87
CA SER A 305 -5.36 16.60 -16.62
C SER A 305 -4.96 15.37 -15.81
N HIS A 306 -5.04 15.47 -14.49
CA HIS A 306 -4.71 14.36 -13.61
C HIS A 306 -5.74 13.24 -13.77
N MET A 307 -6.97 13.63 -14.06
CA MET A 307 -8.07 12.67 -14.24
C MET A 307 -7.87 11.88 -15.53
N GLU A 308 -7.49 12.58 -16.60
CA GLU A 308 -7.26 11.93 -17.88
C GLU A 308 -6.17 10.89 -17.70
N LEU A 309 -5.08 11.30 -17.06
CA LEU A 309 -3.96 10.42 -16.79
C LEU A 309 -4.40 9.25 -15.92
N ALA A 310 -5.22 9.55 -14.90
CA ALA A 310 -5.71 8.52 -13.99
C ALA A 310 -6.47 7.44 -14.77
N GLN A 311 -7.43 7.88 -15.57
CA GLN A 311 -8.23 6.96 -16.37
C GLN A 311 -7.40 6.14 -17.34
N GLU A 312 -6.39 6.77 -17.93
CA GLU A 312 -5.54 6.04 -18.87
C GLU A 312 -4.72 4.97 -18.17
N LEU A 313 -4.10 5.34 -17.04
CA LEU A 313 -3.30 4.38 -16.30
C LEU A 313 -4.14 3.26 -15.67
N MET A 314 -5.39 3.56 -15.34
CA MET A 314 -6.27 2.53 -14.75
C MET A 314 -6.49 1.47 -15.81
N GLU A 315 -6.73 1.89 -17.04
CA GLU A 315 -6.94 0.97 -18.14
C GLU A 315 -5.70 0.11 -18.35
N THR A 316 -4.53 0.73 -18.32
CA THR A 316 -3.27 -0.02 -18.50
C THR A 316 -3.10 -1.04 -17.39
N CYS A 317 -3.31 -0.61 -16.15
CA CYS A 317 -3.18 -1.52 -15.02
C CYS A 317 -4.16 -2.67 -15.14
N TYR A 318 -5.38 -2.36 -15.57
CA TYR A 318 -6.39 -3.38 -15.78
C TYR A 318 -5.86 -4.38 -16.83
N GLN A 319 -5.28 -3.86 -17.90
CA GLN A 319 -4.73 -4.72 -18.96
C GLN A 319 -3.57 -5.59 -18.47
N MET A 320 -2.75 -5.05 -17.58
CA MET A 320 -1.62 -5.82 -17.05
C MET A 320 -2.13 -7.07 -16.38
N ASN A 321 -3.35 -7.00 -15.86
CA ASN A 321 -3.98 -8.13 -15.19
C ASN A 321 -4.66 -9.04 -16.21
N ARG A 322 -5.52 -8.45 -17.03
CA ARG A 322 -6.30 -9.20 -18.01
C ARG A 322 -5.55 -9.80 -19.19
N GLN A 323 -4.34 -9.34 -19.44
CA GLN A 323 -3.57 -9.90 -20.56
C GLN A 323 -2.89 -11.19 -20.14
N MET A 324 -2.89 -11.48 -18.84
CA MET A 324 -2.31 -12.71 -18.32
C MET A 324 -3.34 -13.82 -18.37
N GLU A 325 -2.88 -15.07 -18.48
CA GLU A 325 -3.79 -16.22 -18.56
C GLU A 325 -4.62 -16.44 -17.30
N THR A 326 -4.11 -16.01 -16.14
CA THR A 326 -4.83 -16.18 -14.89
C THR A 326 -5.67 -14.96 -14.54
N GLY A 327 -5.47 -13.87 -15.27
CA GLY A 327 -6.22 -12.66 -15.00
C GLY A 327 -5.56 -11.81 -13.92
N LEU A 328 -4.42 -12.28 -13.42
CA LEU A 328 -3.69 -11.56 -12.38
C LEU A 328 -2.37 -10.98 -12.90
N SER A 329 -2.17 -9.70 -12.65
CA SER A 329 -0.97 -9.01 -13.10
C SER A 329 0.31 -9.59 -12.51
N PRO A 330 1.38 -9.64 -13.32
CA PRO A 330 2.67 -10.16 -12.84
C PRO A 330 3.31 -9.05 -12.03
N GLU A 331 4.42 -9.37 -11.37
CA GLU A 331 5.13 -8.38 -10.54
C GLU A 331 5.62 -7.18 -11.35
N ILE A 332 6.14 -7.43 -12.55
CA ILE A 332 6.66 -6.36 -13.41
C ILE A 332 6.26 -6.57 -14.86
N VAL A 333 5.97 -5.48 -15.56
CA VAL A 333 5.56 -5.54 -16.95
C VAL A 333 6.39 -4.64 -17.87
N HIS A 334 6.85 -5.19 -18.97
CA HIS A 334 7.62 -4.44 -19.95
C HIS A 334 6.73 -4.14 -21.14
N PHE A 335 6.64 -2.87 -21.52
CA PHE A 335 5.82 -2.47 -22.66
C PHE A 335 6.70 -2.24 -23.88
N ASN A 336 6.07 -2.20 -25.05
CA ASN A 336 6.81 -1.98 -26.29
C ASN A 336 6.60 -0.59 -26.86
N LEU A 337 7.71 0.03 -27.23
CA LEU A 337 7.70 1.37 -27.82
C LEU A 337 8.01 1.21 -29.30
N TYR A 338 8.56 0.04 -29.64
CA TYR A 338 8.95 -0.29 -31.01
C TYR A 338 7.77 -0.61 -31.94
N PRO A 339 7.47 0.29 -32.89
CA PRO A 339 6.36 0.05 -33.82
C PRO A 339 6.69 -1.17 -34.67
N GLN A 340 5.96 -2.25 -34.46
CA GLN A 340 6.17 -3.48 -35.20
C GLN A 340 4.80 -4.15 -35.33
N PRO A 341 4.39 -4.44 -36.58
CA PRO A 341 3.10 -5.08 -36.84
C PRO A 341 2.64 -6.18 -35.89
N GLY A 342 3.19 -7.38 -36.04
CA GLY A 342 2.75 -8.48 -35.18
C GLY A 342 3.02 -8.34 -33.68
N ARG A 343 3.76 -7.32 -33.30
CA ARG A 343 4.12 -7.11 -31.89
C ARG A 343 2.99 -6.61 -30.99
N ARG A 344 2.82 -7.25 -29.84
CA ARG A 344 1.80 -6.86 -28.89
C ARG A 344 2.32 -5.70 -28.02
N ASP A 345 1.64 -5.42 -26.92
CA ASP A 345 2.07 -4.33 -26.06
C ASP A 345 2.72 -4.82 -24.77
N VAL A 346 2.12 -5.82 -24.15
CA VAL A 346 2.60 -6.34 -22.88
C VAL A 346 3.56 -7.51 -22.98
N GLU A 347 4.67 -7.40 -22.28
CA GLU A 347 5.69 -8.46 -22.26
C GLU A 347 6.13 -8.68 -20.82
N VAL A 348 6.29 -9.94 -20.44
CA VAL A 348 6.71 -10.26 -19.08
C VAL A 348 7.86 -11.25 -19.08
N LYS A 349 8.92 -10.90 -18.36
CA LYS A 349 10.09 -11.76 -18.28
C LYS A 349 9.76 -12.90 -17.33
N PRO A 350 10.23 -14.13 -17.63
CA PRO A 350 9.95 -15.26 -16.77
C PRO A 350 10.25 -15.06 -15.29
N ALA A 351 11.16 -14.15 -14.98
CA ALA A 351 11.53 -13.87 -13.61
C ALA A 351 10.48 -13.05 -12.86
N ASP A 352 9.68 -12.29 -13.59
CA ASP A 352 8.66 -11.43 -12.98
C ASP A 352 7.22 -11.91 -13.12
N ARG A 353 7.01 -13.21 -13.27
CA ARG A 353 5.66 -13.74 -13.44
C ARG A 353 4.91 -14.08 -12.14
N HIS A 354 5.47 -13.70 -11.00
CA HIS A 354 4.82 -13.99 -9.73
C HIS A 354 3.73 -12.95 -9.42
N ASN A 355 2.83 -13.30 -8.51
CA ASN A 355 1.78 -12.40 -8.05
C ASN A 355 1.66 -12.69 -6.55
N LEU A 356 1.95 -11.68 -5.74
CA LEU A 356 1.91 -11.84 -4.29
C LEU A 356 0.60 -11.37 -3.67
N LEU A 357 -0.46 -11.36 -4.47
CA LEU A 357 -1.79 -10.92 -4.05
C LEU A 357 -1.83 -9.43 -3.74
N ARG A 358 -1.07 -8.65 -4.51
CA ARG A 358 -0.97 -7.20 -4.36
C ARG A 358 -2.29 -6.46 -4.60
N PRO A 359 -2.51 -5.37 -3.84
CA PRO A 359 -3.74 -4.56 -3.92
C PRO A 359 -3.75 -3.36 -4.86
N GLU A 360 -2.58 -3.00 -5.40
CA GLU A 360 -2.50 -1.80 -6.23
C GLU A 360 -3.58 -1.57 -7.28
N THR A 361 -3.96 -2.59 -8.04
CA THR A 361 -4.98 -2.39 -9.05
C THR A 361 -6.38 -2.19 -8.43
N VAL A 362 -6.76 -3.05 -7.50
CA VAL A 362 -8.08 -2.92 -6.88
C VAL A 362 -8.16 -1.65 -6.03
N GLU A 363 -7.02 -1.22 -5.50
CA GLU A 363 -6.93 0.01 -4.74
C GLU A 363 -7.30 1.17 -5.66
N SER A 364 -6.66 1.24 -6.83
CA SER A 364 -6.97 2.33 -7.75
C SER A 364 -8.39 2.22 -8.32
N LEU A 365 -8.90 1.01 -8.51
CA LEU A 365 -10.26 0.86 -9.02
C LEU A 365 -11.21 1.54 -8.03
N PHE A 366 -10.97 1.33 -6.74
CA PHE A 366 -11.79 1.95 -5.69
C PHE A 366 -11.86 3.47 -5.87
N TYR A 367 -10.70 4.13 -5.96
CA TYR A 367 -10.69 5.58 -6.14
C TYR A 367 -11.32 6.01 -7.47
N LEU A 368 -11.00 5.32 -8.56
CA LEU A 368 -11.59 5.69 -9.86
C LEU A 368 -13.12 5.60 -9.79
N TYR A 369 -13.61 4.56 -9.14
CA TYR A 369 -15.06 4.42 -9.02
C TYR A 369 -15.65 5.53 -8.16
N ARG A 370 -15.09 5.77 -6.98
CA ARG A 370 -15.59 6.81 -6.09
C ARG A 370 -15.60 8.19 -6.75
N VAL A 371 -14.61 8.45 -7.60
CA VAL A 371 -14.52 9.75 -8.25
C VAL A 371 -15.35 9.86 -9.54
N THR A 372 -15.41 8.80 -10.33
CA THR A 372 -16.17 8.86 -11.58
C THR A 372 -17.58 8.29 -11.48
N GLY A 373 -17.76 7.28 -10.64
CA GLY A 373 -19.06 6.66 -10.50
C GLY A 373 -19.33 5.68 -11.63
N ASP A 374 -18.29 5.36 -12.40
CA ASP A 374 -18.42 4.43 -13.51
C ASP A 374 -18.38 2.99 -12.98
N ARG A 375 -19.49 2.27 -13.10
CA ARG A 375 -19.53 0.91 -12.59
C ARG A 375 -18.61 -0.08 -13.29
N LYS A 376 -18.04 0.30 -14.42
CA LYS A 376 -17.13 -0.63 -15.10
C LYS A 376 -15.95 -0.95 -14.18
N TYR A 377 -15.56 0.02 -13.35
CA TYR A 377 -14.44 -0.18 -12.42
C TYR A 377 -14.79 -1.22 -11.37
N GLN A 378 -16.08 -1.32 -11.03
CA GLN A 378 -16.52 -2.33 -10.07
C GLN A 378 -16.46 -3.68 -10.80
N ASP A 379 -16.92 -3.68 -12.05
CA ASP A 379 -16.91 -4.90 -12.87
C ASP A 379 -15.50 -5.44 -12.99
N TRP A 380 -14.53 -4.57 -13.23
CA TRP A 380 -13.13 -4.98 -13.36
C TRP A 380 -12.61 -5.58 -12.07
N GLY A 381 -13.00 -5.00 -10.94
CA GLY A 381 -12.55 -5.53 -9.66
C GLY A 381 -13.14 -6.90 -9.40
N TRP A 382 -14.39 -7.09 -9.80
CA TRP A 382 -15.05 -8.39 -9.61
C TRP A 382 -14.30 -9.46 -10.41
N GLU A 383 -13.84 -9.10 -11.60
CA GLU A 383 -13.10 -10.05 -12.43
C GLU A 383 -11.78 -10.46 -11.79
N ILE A 384 -11.09 -9.49 -11.17
CA ILE A 384 -9.83 -9.77 -10.51
C ILE A 384 -10.06 -10.66 -9.30
N LEU A 385 -11.15 -10.42 -8.58
CA LEU A 385 -11.47 -11.23 -7.41
C LEU A 385 -11.68 -12.68 -7.85
N GLN A 386 -12.38 -12.85 -8.97
CA GLN A 386 -12.64 -14.18 -9.52
C GLN A 386 -11.33 -14.91 -9.79
N SER A 387 -10.35 -14.16 -10.28
CA SER A 387 -9.05 -14.75 -10.57
C SER A 387 -8.36 -15.18 -9.29
N PHE A 388 -8.48 -14.38 -8.23
CA PHE A 388 -7.87 -14.74 -6.95
C PHE A 388 -8.50 -16.04 -6.45
N SER A 389 -9.82 -16.14 -6.57
CA SER A 389 -10.55 -17.32 -6.12
C SER A 389 -10.21 -18.56 -6.92
N ARG A 390 -10.09 -18.40 -8.23
CA ARG A 390 -9.81 -19.53 -9.10
C ARG A 390 -8.37 -20.04 -9.04
N PHE A 391 -7.40 -19.13 -9.01
CA PHE A 391 -6.01 -19.57 -9.04
C PHE A 391 -5.16 -19.49 -7.76
N THR A 392 -5.63 -18.82 -6.71
CA THR A 392 -4.81 -18.70 -5.50
C THR A 392 -5.40 -19.35 -4.25
N ARG A 393 -6.65 -19.77 -4.34
CA ARG A 393 -7.34 -20.38 -3.20
C ARG A 393 -6.73 -21.69 -2.73
N VAL A 394 -6.56 -21.82 -1.41
CA VAL A 394 -6.03 -23.04 -0.83
C VAL A 394 -7.20 -23.71 -0.10
N PRO A 395 -7.55 -24.93 -0.52
CA PRO A 395 -8.65 -25.72 0.05
C PRO A 395 -8.77 -25.69 1.58
N SER A 396 -7.68 -25.99 2.28
CA SER A 396 -7.70 -26.03 3.73
C SER A 396 -7.89 -24.65 4.38
N GLY A 397 -7.76 -23.61 3.57
CA GLY A 397 -7.92 -22.27 4.10
C GLY A 397 -6.84 -21.31 3.63
N GLY A 398 -7.19 -20.04 3.49
CA GLY A 398 -6.22 -19.06 3.05
C GLY A 398 -6.05 -19.01 1.54
N TYR A 399 -5.23 -18.07 1.09
CA TYR A 399 -4.93 -17.88 -0.32
C TYR A 399 -3.43 -17.71 -0.38
N SER A 400 -2.83 -18.04 -1.52
CA SER A 400 -1.38 -17.93 -1.61
C SER A 400 -0.85 -17.19 -2.82
N SER A 401 0.29 -16.54 -2.63
CA SER A 401 0.96 -15.84 -3.72
C SER A 401 1.28 -16.99 -4.67
N ILE A 402 1.46 -16.67 -5.95
CA ILE A 402 1.78 -17.70 -6.95
C ILE A 402 2.98 -17.28 -7.79
N ASN A 403 3.71 -18.27 -8.30
CA ASN A 403 4.89 -18.02 -9.11
C ASN A 403 4.65 -17.80 -10.60
N ASN A 404 3.61 -18.43 -11.15
CA ASN A 404 3.35 -18.28 -12.58
C ASN A 404 1.94 -17.79 -12.89
N VAL A 405 1.85 -16.51 -13.20
CA VAL A 405 0.61 -15.85 -13.53
C VAL A 405 0.16 -16.18 -14.96
N GLN A 406 1.05 -16.81 -15.73
CA GLN A 406 0.74 -17.16 -17.12
C GLN A 406 0.38 -18.62 -17.35
N ASP A 407 0.26 -19.40 -16.28
CA ASP A 407 -0.07 -20.81 -16.42
C ASP A 407 -1.27 -21.16 -15.54
N PRO A 408 -2.48 -21.04 -16.08
CA PRO A 408 -3.70 -21.35 -15.31
C PRO A 408 -3.79 -22.80 -14.84
N GLN A 409 -3.02 -23.69 -15.47
CA GLN A 409 -3.02 -25.10 -15.10
C GLN A 409 -2.06 -25.32 -13.92
N LYS A 410 -0.99 -24.54 -13.88
CA LYS A 410 0.00 -24.66 -12.82
C LYS A 410 0.51 -23.28 -12.38
N PRO A 411 -0.29 -22.56 -11.57
CA PRO A 411 0.10 -21.23 -11.10
C PRO A 411 1.29 -21.28 -10.14
N GLU A 412 1.50 -22.45 -9.53
CA GLU A 412 2.61 -22.66 -8.60
C GLU A 412 2.53 -21.82 -7.34
N PRO A 413 1.77 -22.27 -6.33
CA PRO A 413 1.62 -21.53 -5.08
C PRO A 413 2.97 -21.40 -4.39
N ARG A 414 3.24 -20.24 -3.80
CA ARG A 414 4.49 -20.01 -3.09
C ARG A 414 4.33 -20.37 -1.63
N ASP A 415 3.11 -20.71 -1.22
CA ASP A 415 2.82 -21.08 0.16
C ASP A 415 3.06 -19.89 1.10
N LYS A 416 2.37 -18.79 0.82
CA LYS A 416 2.49 -17.58 1.63
C LYS A 416 1.36 -16.59 1.37
N MET A 417 0.72 -16.14 2.44
CA MET A 417 -0.35 -15.15 2.34
C MET A 417 0.17 -13.89 3.03
N GLU A 418 0.52 -12.89 2.24
CA GLU A 418 1.03 -11.62 2.74
C GLU A 418 -0.03 -10.92 3.57
N SER A 419 0.39 -10.23 4.63
CA SER A 419 -0.58 -9.53 5.48
C SER A 419 -1.42 -8.52 4.70
N PHE A 420 -0.85 -7.92 3.66
CA PHE A 420 -1.59 -6.93 2.89
C PHE A 420 -2.74 -7.49 2.05
N PHE A 421 -2.85 -8.81 1.95
CA PHE A 421 -3.95 -9.39 1.18
C PHE A 421 -5.24 -9.12 1.95
N LEU A 422 -5.20 -9.32 3.27
CA LEU A 422 -6.36 -9.10 4.13
C LEU A 422 -6.44 -7.65 4.58
N GLY A 423 -5.29 -7.02 4.78
CA GLY A 423 -5.29 -5.64 5.20
C GLY A 423 -5.62 -4.69 4.06
N GLU A 424 -5.15 -5.01 2.85
CA GLU A 424 -5.39 -4.11 1.71
C GLU A 424 -6.28 -4.61 0.57
N THR A 425 -5.85 -5.68 -0.08
CA THR A 425 -6.58 -6.21 -1.23
C THR A 425 -8.07 -6.45 -1.00
N LEU A 426 -8.42 -7.19 0.03
CA LEU A 426 -9.84 -7.45 0.27
C LEU A 426 -10.58 -6.24 0.80
N LYS A 427 -9.87 -5.33 1.49
CA LYS A 427 -10.54 -4.13 2.00
C LYS A 427 -10.95 -3.22 0.85
N TYR A 428 -10.01 -2.95 -0.07
CA TYR A 428 -10.31 -2.09 -1.21
C TYR A 428 -11.42 -2.68 -2.09
N LEU A 429 -11.41 -3.99 -2.27
CA LEU A 429 -12.46 -4.64 -3.08
C LEU A 429 -13.82 -4.45 -2.43
N PHE A 430 -13.88 -4.66 -1.11
CA PHE A 430 -15.15 -4.50 -0.39
C PHE A 430 -15.66 -3.08 -0.54
N LEU A 431 -14.77 -2.10 -0.37
CA LEU A 431 -15.15 -0.70 -0.48
C LEU A 431 -15.51 -0.34 -1.93
N LEU A 432 -14.83 -0.97 -2.88
CA LEU A 432 -15.10 -0.72 -4.30
C LEU A 432 -16.54 -1.12 -4.64
N PHE A 433 -16.97 -2.25 -4.09
CA PHE A 433 -18.31 -2.77 -4.37
C PHE A 433 -19.42 -2.05 -3.61
N SER A 434 -19.05 -1.15 -2.70
CA SER A 434 -20.04 -0.39 -1.96
C SER A 434 -20.61 0.70 -2.87
N ASP A 435 -21.91 0.94 -2.80
CA ASP A 435 -22.51 2.00 -3.61
C ASP A 435 -22.84 3.20 -2.73
N ASP A 436 -22.25 3.20 -1.54
CA ASP A 436 -22.47 4.29 -0.58
C ASP A 436 -21.21 5.16 -0.51
N PRO A 437 -21.24 6.34 -1.16
CA PRO A 437 -20.08 7.22 -1.13
C PRO A 437 -19.76 7.72 0.27
N ASN A 438 -20.69 7.53 1.21
CA ASN A 438 -20.49 7.96 2.57
C ASN A 438 -19.77 6.93 3.43
N LEU A 439 -19.48 5.76 2.87
CA LEU A 439 -18.76 4.72 3.59
C LEU A 439 -17.28 5.07 3.45
N LEU A 440 -16.65 5.55 4.53
CA LEU A 440 -15.25 5.96 4.50
C LEU A 440 -15.09 6.90 3.31
N SER A 441 -15.83 8.00 3.36
CA SER A 441 -15.83 9.02 2.32
C SER A 441 -14.48 9.66 2.08
N LEU A 442 -14.19 9.93 0.82
CA LEU A 442 -12.94 10.60 0.46
C LEU A 442 -12.89 11.97 1.12
N ASP A 443 -14.04 12.43 1.60
CA ASP A 443 -14.15 13.73 2.27
C ASP A 443 -13.78 13.69 3.75
N ALA A 444 -13.94 12.54 4.38
CA ALA A 444 -13.71 12.41 5.81
C ALA A 444 -12.54 11.54 6.24
N TYR A 445 -12.07 10.68 5.36
CA TYR A 445 -10.96 9.80 5.70
C TYR A 445 -9.92 9.76 4.61
N VAL A 446 -8.69 9.43 5.00
CA VAL A 446 -7.59 9.27 4.05
C VAL A 446 -6.94 7.94 4.47
N PHE A 447 -6.68 7.08 3.49
CA PHE A 447 -6.07 5.78 3.76
C PHE A 447 -4.55 5.87 3.76
N ASN A 448 -3.90 5.19 4.71
CA ASN A 448 -2.45 5.22 4.72
C ASN A 448 -2.03 4.23 3.63
N THR A 449 -0.73 4.04 3.42
CA THR A 449 -0.31 3.18 2.33
C THR A 449 -0.52 1.67 2.49
N GLU A 450 -1.11 1.27 3.63
CA GLU A 450 -1.41 -0.13 3.90
C GLU A 450 -2.94 -0.23 4.11
N ALA A 451 -3.66 0.67 3.46
CA ALA A 451 -5.12 0.71 3.52
C ALA A 451 -5.76 0.87 4.90
N HIS A 452 -5.10 1.60 5.80
CA HIS A 452 -5.65 1.82 7.13
C HIS A 452 -6.18 3.24 7.14
N PRO A 453 -7.51 3.41 7.17
CA PRO A 453 -8.12 4.75 7.17
C PRO A 453 -7.84 5.59 8.41
N LEU A 454 -7.62 6.88 8.17
CA LEU A 454 -7.33 7.83 9.23
C LEU A 454 -8.21 9.05 8.98
N PRO A 455 -8.72 9.68 10.04
CA PRO A 455 -9.58 10.84 9.84
C PRO A 455 -8.93 12.10 9.25
N ILE A 456 -9.67 12.82 8.42
CA ILE A 456 -9.17 14.07 7.85
C ILE A 456 -9.35 15.10 8.97
N TRP A 457 -8.30 15.85 9.28
CA TRP A 457 -8.39 16.85 10.33
C TRP A 457 -9.31 17.99 9.93
N THR A 458 -10.07 18.51 10.88
CA THR A 458 -11.00 19.60 10.59
C THR A 458 -10.38 20.94 10.98
CA CA B . 0.85 1.01 -0.66
S SO4 C . 5.44 8.07 -26.61
O1 SO4 C . 6.63 8.83 -27.02
O2 SO4 C . 5.87 6.78 -26.03
O3 SO4 C . 4.68 8.84 -25.62
O4 SO4 C . 4.58 7.82 -27.78
S SO4 D . 16.50 16.81 -18.14
O1 SO4 D . 16.17 16.15 -16.86
O2 SO4 D . 16.78 18.23 -17.90
O3 SO4 D . 17.67 16.15 -18.74
O4 SO4 D . 15.34 16.69 -19.05
S SO4 E . -5.56 -16.22 22.08
O1 SO4 E . -5.44 -15.47 23.34
O2 SO4 E . -5.89 -15.29 20.99
O3 SO4 E . -4.27 -16.90 21.80
O4 SO4 E . -6.63 -17.24 22.20
#